data_8X64
#
_entry.id   8X64
#
_cell.length_a   1.00
_cell.length_b   1.00
_cell.length_c   1.00
_cell.angle_alpha   90.00
_cell.angle_beta   90.00
_cell.angle_gamma   90.00
#
_symmetry.space_group_name_H-M   'P 1'
#
loop_
_entity.id
_entity.type
_entity.pdbx_description
1 polymer 'Histamine H1 receptor,Soluble cytochrome b562'
2 non-polymer desloratadine
#
_entity_poly.entity_id   1
_entity_poly.type   'polypeptide(L)'
_entity_poly.pdbx_seq_one_letter_code
;DYKDDDDKTTMASPQLMPLVVVLSTICLVTVGLNLLVLYAVRSERKLHTVGNLYIVSLSVADLIVGAVVMPMNILYLLMS
KWSLGRPLCLFWLSMDYVASTASIFSVFILCIDRYRSVQQPLRYLKYRTKTRASATILGAWFLSFLWVIPILGWNHFMQQ
TSVRREDKCETDFYDVTWFKVMTAIINFYLPTLLMLWFYAKIYKAVKRQLADLEDNWETLNDNLKVIEKADNAAQVKDAL
TKMRAAALDAQKASGSGSPEMKDFRHGFDILVGQIDDALKLANEGKVKEAQAAAEQLKTTRNAYIQKYLKFCNRERKAAK
QLGFIMAAFILCWIPYFIFFMVIAFCKNCCNEHLHMFTIWLGYINSTLNPLIYPLCNENFKKTFKRILKIAALKEKIAAL
KEKIAALKEAEEKRASRLEEELRRRLTEGSHHHHHHHH
;
_entity_poly.pdbx_strand_id   B
#
loop_
_chem_comp.id
_chem_comp.type
_chem_comp.name
_chem_comp.formula
Y5R non-polymer desloratadine 'C19 H19 Cl N2'
#
# COMPACT_ATOMS: atom_id res chain seq x y z
N PRO A 14 17.92 -23.72 10.96
CA PRO A 14 19.35 -23.62 11.26
C PRO A 14 20.13 -22.96 10.13
N GLN A 15 19.51 -22.88 8.95
CA GLN A 15 20.12 -22.24 7.80
C GLN A 15 19.31 -21.07 7.28
N LEU A 16 18.22 -20.71 7.95
CA LEU A 16 17.37 -19.61 7.51
C LEU A 16 17.16 -18.55 8.58
N MET A 17 17.63 -18.78 9.82
CA MET A 17 17.44 -17.81 10.89
C MET A 17 18.11 -16.46 10.63
N PRO A 18 19.35 -16.38 10.14
CA PRO A 18 19.93 -15.05 9.87
C PRO A 18 19.10 -14.20 8.93
N LEU A 19 18.48 -14.83 7.92
CA LEU A 19 17.56 -14.09 7.06
C LEU A 19 16.38 -13.54 7.85
N VAL A 20 15.84 -14.34 8.78
CA VAL A 20 14.76 -13.86 9.63
C VAL A 20 15.24 -12.67 10.45
N VAL A 21 16.48 -12.70 10.91
CA VAL A 21 17.04 -11.58 11.65
C VAL A 21 17.10 -10.34 10.77
N VAL A 22 17.46 -10.52 9.49
CA VAL A 22 17.53 -9.37 8.58
C VAL A 22 16.13 -8.77 8.37
N LEU A 23 15.14 -9.63 8.12
CA LEU A 23 13.77 -9.14 8.00
C LEU A 23 13.29 -8.46 9.28
N SER A 24 13.73 -8.94 10.45
CA SER A 24 13.40 -8.26 11.69
C SER A 24 14.06 -6.89 11.76
N THR A 25 15.32 -6.79 11.31
CA THR A 25 16.02 -5.51 11.29
C THR A 25 15.33 -4.52 10.34
N ILE A 26 14.63 -5.04 9.33
CA ILE A 26 13.87 -4.17 8.43
C ILE A 26 12.81 -3.39 9.21
N CYS A 27 12.27 -3.99 10.27
CA CYS A 27 11.20 -3.35 11.03
C CYS A 27 11.61 -2.01 11.62
N LEU A 28 12.80 -1.95 12.20
CA LEU A 28 13.23 -0.72 12.86
C LEU A 28 13.25 0.43 11.87
N VAL A 29 13.84 0.22 10.70
CA VAL A 29 13.93 1.29 9.72
C VAL A 29 12.55 1.61 9.15
N THR A 30 11.70 0.61 8.93
CA THR A 30 10.36 0.89 8.39
C THR A 30 9.56 1.77 9.34
N VAL A 31 9.49 1.36 10.61
CA VAL A 31 8.72 2.11 11.60
C VAL A 31 9.33 3.49 11.82
N GLY A 32 10.66 3.57 11.87
CA GLY A 32 11.31 4.85 12.05
C GLY A 32 10.99 5.81 10.93
N LEU A 33 11.07 5.34 9.68
CA LEU A 33 10.77 6.20 8.54
C LEU A 33 9.31 6.64 8.55
N ASN A 34 8.39 5.72 8.84
CA ASN A 34 6.98 6.09 8.84
C ASN A 34 6.68 7.13 9.91
N LEU A 35 7.15 6.89 11.14
CA LEU A 35 6.91 7.85 12.22
C LEU A 35 7.62 9.17 11.94
N LEU A 36 8.77 9.12 11.27
CA LEU A 36 9.46 10.35 10.91
C LEU A 36 8.63 11.18 9.92
N VAL A 37 8.01 10.52 8.94
CA VAL A 37 7.15 11.23 8.00
C VAL A 37 5.95 11.83 8.72
N LEU A 38 5.31 11.03 9.60
CA LEU A 38 4.16 11.56 10.34
C LEU A 38 4.55 12.76 11.20
N TYR A 39 5.69 12.71 11.88
CA TYR A 39 6.12 13.86 12.67
C TYR A 39 6.48 15.04 11.79
N ALA A 40 7.03 14.78 10.60
CA ALA A 40 7.36 15.86 9.68
C ALA A 40 6.10 16.60 9.24
N VAL A 41 5.02 15.87 8.97
CA VAL A 41 3.79 16.52 8.54
C VAL A 41 3.17 17.30 9.69
N ARG A 42 3.23 16.77 10.90
CA ARG A 42 2.60 17.40 12.05
C ARG A 42 3.46 18.49 12.69
N SER A 43 4.55 18.91 12.04
CA SER A 43 5.46 19.88 12.63
C SER A 43 5.57 21.17 11.83
N GLU A 44 5.90 21.09 10.54
CA GLU A 44 6.25 22.25 9.75
C GLU A 44 5.05 22.73 8.96
N ARG A 45 4.65 23.99 9.18
CA ARG A 45 3.50 24.53 8.47
C ARG A 45 3.76 24.63 6.97
N LYS A 46 4.97 25.05 6.57
CA LYS A 46 5.30 25.10 5.15
C LYS A 46 5.24 23.72 4.52
N LEU A 47 5.51 22.68 5.29
CA LEU A 47 5.36 21.30 4.84
C LEU A 47 3.97 20.76 5.10
N HIS A 48 3.11 21.51 5.79
CA HIS A 48 1.77 21.03 6.15
C HIS A 48 0.78 21.37 5.04
N THR A 49 1.08 20.83 3.87
CA THR A 49 0.37 21.17 2.64
C THR A 49 -1.05 20.62 2.67
N VAL A 50 -1.96 21.34 2.01
CA VAL A 50 -3.36 20.93 1.91
C VAL A 50 -3.54 19.61 1.19
N GLY A 51 -2.55 19.19 0.39
CA GLY A 51 -2.63 17.92 -0.30
C GLY A 51 -1.74 16.87 0.32
N ASN A 52 -0.71 17.31 1.05
CA ASN A 52 0.21 16.38 1.69
C ASN A 52 -0.53 15.41 2.61
N LEU A 53 -1.61 15.87 3.24
CA LEU A 53 -2.38 15.01 4.13
C LEU A 53 -2.79 13.72 3.42
N TYR A 54 -3.12 13.82 2.13
CA TYR A 54 -3.46 12.61 1.37
C TYR A 54 -2.34 11.58 1.47
N ILE A 55 -1.11 11.98 1.15
CA ILE A 55 0.00 11.03 1.21
C ILE A 55 0.21 10.57 2.64
N VAL A 56 -0.16 11.41 3.62
CA VAL A 56 -0.05 11.02 5.02
C VAL A 56 -0.84 9.74 5.27
N SER A 57 -2.03 9.64 4.68
CA SER A 57 -2.81 8.42 4.81
C SER A 57 -1.95 7.21 4.44
N LEU A 58 -1.30 7.27 3.29
CA LEU A 58 -0.40 6.19 2.89
C LEU A 58 0.60 5.91 4.00
N SER A 59 1.30 6.96 4.45
CA SER A 59 2.27 6.80 5.52
C SER A 59 1.63 6.12 6.71
N VAL A 60 0.46 6.61 7.14
CA VAL A 60 -0.22 6.00 8.28
C VAL A 60 -0.46 4.53 7.98
N ALA A 61 -1.07 4.24 6.82
CA ALA A 61 -1.27 2.86 6.43
C ALA A 61 0.05 2.12 6.43
N ASP A 62 1.07 2.72 5.82
CA ASP A 62 2.40 2.11 5.81
C ASP A 62 2.82 1.72 7.21
N LEU A 63 2.72 2.66 8.15
CA LEU A 63 3.11 2.36 9.53
C LEU A 63 2.36 1.12 10.01
N ILE A 64 1.04 1.14 9.87
CA ILE A 64 0.23 0.00 10.32
C ILE A 64 0.79 -1.28 9.72
N VAL A 65 1.01 -1.27 8.39
CA VAL A 65 1.50 -2.44 7.70
C VAL A 65 2.66 -3.03 8.48
N GLY A 66 3.71 -2.24 8.65
CA GLY A 66 4.93 -2.71 9.28
C GLY A 66 4.56 -3.42 10.55
N ALA A 67 4.00 -2.68 11.50
CA ALA A 67 3.70 -3.27 12.79
C ALA A 67 2.89 -4.53 12.60
N VAL A 68 1.71 -4.40 12.01
CA VAL A 68 0.75 -5.47 12.09
C VAL A 68 1.23 -6.66 11.29
N VAL A 69 2.22 -6.48 10.43
CA VAL A 69 2.73 -7.57 9.64
C VAL A 69 4.08 -8.08 10.16
N MET A 70 4.92 -7.21 10.73
CA MET A 70 6.34 -7.56 10.82
C MET A 70 6.59 -8.66 11.84
N PRO A 71 6.31 -8.48 13.14
CA PRO A 71 6.59 -9.58 14.08
C PRO A 71 5.80 -10.84 13.77
N MET A 72 4.49 -10.70 13.54
CA MET A 72 3.64 -11.86 13.35
C MET A 72 4.13 -12.72 12.19
N ASN A 73 4.38 -12.10 11.02
CA ASN A 73 4.91 -12.86 9.90
C ASN A 73 6.27 -13.45 10.24
N ILE A 74 7.11 -12.70 10.97
CA ILE A 74 8.35 -13.25 11.45
C ILE A 74 8.08 -14.39 12.43
N LEU A 75 7.09 -14.21 13.29
CA LEU A 75 6.68 -15.30 14.17
C LEU A 75 6.13 -16.48 13.38
N TYR A 76 5.71 -16.25 12.13
CA TYR A 76 5.31 -17.34 11.25
C TYR A 76 6.52 -18.08 10.68
N LEU A 77 7.64 -17.38 10.50
CA LEU A 77 8.82 -18.01 9.90
C LEU A 77 9.62 -18.80 10.93
N LEU A 78 9.89 -18.18 12.09
CA LEU A 78 10.65 -18.88 13.14
C LEU A 78 9.91 -20.12 13.60
N MET A 79 8.61 -20.02 13.81
CA MET A 79 7.81 -21.18 14.13
C MET A 79 7.50 -21.97 12.86
N SER A 80 7.08 -23.21 13.06
CA SER A 80 6.66 -24.09 11.97
C SER A 80 5.17 -24.35 12.09
N LYS A 81 4.43 -24.09 11.01
CA LYS A 81 2.97 -24.24 10.95
C LYS A 81 2.26 -23.73 12.19
N LEU A 84 -1.09 -18.63 19.94
CA LEU A 84 -1.64 -17.89 18.81
C LEU A 84 -3.15 -18.10 18.72
N GLY A 85 -3.56 -19.22 18.14
CA GLY A 85 -4.97 -19.53 18.03
C GLY A 85 -5.61 -18.88 16.81
N ARG A 86 -6.94 -18.94 16.78
CA ARG A 86 -7.73 -18.42 15.68
C ARG A 86 -7.88 -16.90 15.72
N PRO A 87 -8.33 -16.29 16.83
CA PRO A 87 -8.61 -14.84 16.79
C PRO A 87 -7.40 -14.00 16.42
N LEU A 88 -6.22 -14.32 16.96
CA LEU A 88 -5.05 -13.49 16.71
C LEU A 88 -4.64 -13.54 15.25
N CYS A 89 -4.57 -14.74 14.68
CA CYS A 89 -4.16 -14.87 13.28
C CYS A 89 -5.22 -14.28 12.35
N LEU A 90 -6.50 -14.44 12.70
CA LEU A 90 -7.56 -13.83 11.89
C LEU A 90 -7.48 -12.32 11.91
N PHE A 91 -7.23 -11.73 13.09
CA PHE A 91 -7.04 -10.29 13.15
C PHE A 91 -5.80 -9.86 12.37
N TRP A 92 -4.74 -10.66 12.42
CA TRP A 92 -3.54 -10.36 11.64
C TRP A 92 -3.86 -10.30 10.16
N LEU A 93 -4.56 -11.30 9.64
CA LEU A 93 -4.92 -11.31 8.23
C LEU A 93 -5.82 -10.13 7.89
N SER A 94 -6.82 -9.86 8.74
CA SER A 94 -7.76 -8.78 8.47
C SER A 94 -7.06 -7.44 8.42
N MET A 95 -6.16 -7.19 9.37
CA MET A 95 -5.49 -5.89 9.41
C MET A 95 -4.43 -5.77 8.33
N ASP A 96 -3.80 -6.88 7.93
CA ASP A 96 -2.92 -6.83 6.76
C ASP A 96 -3.71 -6.45 5.51
N TYR A 97 -4.89 -7.06 5.34
CA TYR A 97 -5.72 -6.74 4.19
C TYR A 97 -6.16 -5.28 4.21
N VAL A 98 -6.60 -4.78 5.37
CA VAL A 98 -7.06 -3.40 5.43
C VAL A 98 -5.89 -2.45 5.19
N ALA A 99 -4.70 -2.79 5.68
CA ALA A 99 -3.56 -1.92 5.48
C ALA A 99 -3.17 -1.84 4.01
N SER A 100 -3.12 -2.99 3.33
CA SER A 100 -2.79 -2.98 1.90
C SER A 100 -3.85 -2.24 1.09
N THR A 101 -5.14 -2.50 1.38
CA THR A 101 -6.20 -1.83 0.64
C THR A 101 -6.19 -0.33 0.90
N ALA A 102 -5.94 0.08 2.16
CA ALA A 102 -5.87 1.49 2.48
C ALA A 102 -4.69 2.16 1.80
N SER A 103 -3.56 1.46 1.68
CA SER A 103 -2.44 2.03 0.94
C SER A 103 -2.80 2.23 -0.52
N ILE A 104 -3.19 1.14 -1.23
CA ILE A 104 -3.62 1.21 -2.68
C ILE A 104 -4.96 1.88 -2.90
N PHE A 105 -5.60 2.53 -1.90
CA PHE A 105 -6.64 3.52 -2.09
C PHE A 105 -6.24 4.93 -1.66
N SER A 106 -5.27 5.07 -0.77
CA SER A 106 -4.64 6.37 -0.57
C SER A 106 -3.91 6.79 -1.83
N VAL A 107 -3.21 5.85 -2.48
CA VAL A 107 -2.59 6.16 -3.77
C VAL A 107 -3.67 6.46 -4.82
N PHE A 108 -4.80 5.76 -4.74
CA PHE A 108 -5.88 6.01 -5.69
C PHE A 108 -6.46 7.41 -5.52
N ILE A 109 -6.64 7.84 -4.27
CA ILE A 109 -7.11 9.20 -4.01
C ILE A 109 -6.07 10.22 -4.44
N LEU A 110 -4.79 9.90 -4.24
CA LEU A 110 -3.73 10.80 -4.70
C LEU A 110 -3.78 10.98 -6.21
N CYS A 111 -4.01 9.89 -6.95
CA CYS A 111 -4.09 9.99 -8.41
C CYS A 111 -5.37 10.68 -8.85
N ILE A 112 -6.49 10.44 -8.16
CA ILE A 112 -7.72 11.20 -8.42
C ILE A 112 -7.44 12.69 -8.30
N ASP A 113 -6.77 13.09 -7.21
CA ASP A 113 -6.56 14.51 -6.95
C ASP A 113 -5.56 15.11 -7.93
N ARG A 114 -4.51 14.37 -8.28
CA ARG A 114 -3.56 14.87 -9.27
C ARG A 114 -4.24 15.03 -10.63
N TYR A 115 -5.07 14.05 -11.02
CA TYR A 115 -5.79 14.13 -12.28
C TYR A 115 -6.71 15.35 -12.29
N ARG A 116 -7.45 15.57 -11.21
CA ARG A 116 -8.37 16.71 -11.16
C ARG A 116 -7.62 18.03 -11.15
N SER A 117 -6.51 18.10 -10.39
CA SER A 117 -5.79 19.37 -10.24
C SER A 117 -4.97 19.73 -11.46
N VAL A 118 -4.50 18.74 -12.23
CA VAL A 118 -3.73 19.02 -13.44
C VAL A 118 -4.63 19.14 -14.66
N GLN A 119 -5.81 18.51 -14.65
CA GLN A 119 -6.84 18.85 -15.63
C GLN A 119 -7.11 20.35 -15.56
N GLN A 120 -7.26 20.97 -16.74
CA GLN A 120 -7.26 22.42 -16.89
C GLN A 120 -8.13 23.08 -15.83
N PRO A 121 -7.51 23.78 -14.86
CA PRO A 121 -8.25 24.27 -13.68
C PRO A 121 -8.85 25.66 -13.87
N LEU A 122 -9.93 25.71 -14.66
CA LEU A 122 -10.71 26.93 -14.78
C LEU A 122 -11.83 26.95 -13.74
N ARG A 123 -12.75 26.00 -13.82
CA ARG A 123 -13.72 25.76 -12.75
C ARG A 123 -13.23 24.61 -11.87
N TYR A 124 -12.05 24.81 -11.29
CA TYR A 124 -11.42 23.81 -10.45
C TYR A 124 -10.67 24.51 -9.33
N LEU A 125 -9.82 23.76 -8.62
CA LEU A 125 -9.02 24.20 -7.48
C LEU A 125 -9.88 24.61 -6.29
N LYS A 126 -11.20 24.55 -6.41
CA LYS A 126 -12.11 24.85 -5.32
C LYS A 126 -12.69 23.60 -4.68
N TYR A 127 -12.30 22.42 -5.15
CA TYR A 127 -12.68 21.15 -4.56
C TYR A 127 -11.43 20.38 -4.11
N ARG A 128 -10.47 21.11 -3.54
CA ARG A 128 -9.21 20.54 -3.07
C ARG A 128 -8.86 21.10 -1.69
N THR A 129 -9.85 21.15 -0.80
CA THR A 129 -9.65 21.67 0.54
C THR A 129 -9.18 20.55 1.47
N LYS A 130 -9.15 20.82 2.76
CA LYS A 130 -8.69 19.86 3.75
C LYS A 130 -9.83 19.04 4.36
N THR A 131 -11.02 19.66 4.50
CA THR A 131 -12.17 18.91 4.99
C THR A 131 -12.52 17.77 4.04
N ARG A 132 -12.47 18.02 2.74
CA ARG A 132 -12.70 16.95 1.77
C ARG A 132 -11.57 15.93 1.79
N ALA A 133 -10.36 16.36 2.12
CA ALA A 133 -9.26 15.41 2.30
C ALA A 133 -9.58 14.43 3.41
N SER A 134 -9.98 14.95 4.57
CA SER A 134 -10.34 14.07 5.68
C SER A 134 -11.54 13.21 5.33
N ALA A 135 -12.51 13.78 4.62
CA ALA A 135 -13.71 13.01 4.24
C ALA A 135 -13.36 11.85 3.33
N THR A 136 -12.51 12.08 2.33
CA THR A 136 -12.15 11.00 1.41
C THR A 136 -11.24 9.98 2.07
N ILE A 137 -10.37 10.40 3.00
CA ILE A 137 -9.59 9.44 3.75
C ILE A 137 -10.50 8.57 4.62
N LEU A 138 -11.50 9.19 5.25
CA LEU A 138 -12.47 8.42 6.04
C LEU A 138 -13.24 7.45 5.17
N GLY A 139 -13.64 7.88 3.97
CA GLY A 139 -14.33 6.98 3.06
C GLY A 139 -13.46 5.80 2.65
N ALA A 140 -12.18 6.05 2.38
CA ALA A 140 -11.27 4.97 2.05
C ALA A 140 -11.14 3.98 3.21
N TRP A 141 -11.00 4.50 4.43
CA TRP A 141 -10.93 3.62 5.60
C TRP A 141 -12.21 2.81 5.76
N PHE A 142 -13.36 3.44 5.56
CA PHE A 142 -14.64 2.74 5.71
C PHE A 142 -14.79 1.64 4.68
N LEU A 143 -14.43 1.92 3.42
CA LEU A 143 -14.53 0.89 2.39
C LEU A 143 -13.53 -0.23 2.65
N SER A 144 -12.35 0.12 3.18
CA SER A 144 -11.38 -0.91 3.53
C SER A 144 -11.92 -1.82 4.62
N PHE A 145 -12.58 -1.25 5.63
CA PHE A 145 -13.18 -2.09 6.67
C PHE A 145 -14.33 -2.94 6.11
N LEU A 146 -15.09 -2.39 5.17
CA LEU A 146 -16.11 -3.19 4.51
C LEU A 146 -15.51 -4.35 3.74
N TRP A 147 -14.31 -4.17 3.18
CA TRP A 147 -13.59 -5.29 2.58
C TRP A 147 -13.07 -6.25 3.65
N VAL A 148 -12.75 -5.73 4.84
CA VAL A 148 -12.28 -6.58 5.93
C VAL A 148 -13.37 -7.54 6.38
N ILE A 149 -14.60 -7.05 6.47
CA ILE A 149 -15.71 -7.82 7.06
C ILE A 149 -15.80 -9.23 6.47
N PRO A 150 -15.63 -9.43 5.16
CA PRO A 150 -15.58 -10.81 4.65
C PRO A 150 -14.49 -11.66 5.28
N ILE A 151 -13.35 -11.08 5.66
CA ILE A 151 -12.26 -11.89 6.23
C ILE A 151 -12.74 -12.58 7.51
N LEU A 152 -13.44 -11.84 8.37
CA LEU A 152 -13.99 -12.44 9.58
C LEU A 152 -15.20 -13.30 9.28
N GLY A 153 -16.02 -12.92 8.31
CA GLY A 153 -17.31 -13.59 8.13
C GLY A 153 -17.52 -14.31 6.82
N TRP A 154 -16.47 -14.94 6.28
CA TRP A 154 -16.66 -15.81 5.12
C TRP A 154 -17.65 -16.91 5.43
N ASN A 155 -17.50 -17.56 6.59
CA ASN A 155 -18.57 -18.38 7.13
C ASN A 155 -19.66 -17.49 7.73
N HIS A 156 -20.83 -18.09 7.96
CA HIS A 156 -22.03 -17.40 8.46
C HIS A 156 -22.64 -16.53 7.36
N PHE A 157 -21.96 -16.42 6.23
CA PHE A 157 -22.54 -15.86 5.01
C PHE A 157 -22.73 -16.95 3.97
N MET A 158 -21.67 -17.66 3.62
CA MET A 158 -21.76 -18.90 2.87
C MET A 158 -21.55 -20.09 3.82
N GLN A 159 -21.82 -21.28 3.31
CA GLN A 159 -21.74 -22.50 4.10
C GLN A 159 -20.63 -23.43 3.61
N GLN A 160 -19.49 -22.85 3.25
CA GLN A 160 -18.34 -23.65 2.82
C GLN A 160 -17.05 -22.86 3.02
N ASP A 167 -1.55 -27.64 11.94
CA ASP A 167 -2.33 -26.46 12.29
C ASP A 167 -1.79 -25.22 11.59
N LYS A 168 -2.59 -24.66 10.69
CA LYS A 168 -2.22 -23.46 9.96
C LYS A 168 -3.44 -22.56 9.85
N CYS A 169 -3.19 -21.25 9.67
CA CYS A 169 -4.26 -20.28 9.51
C CYS A 169 -3.96 -19.47 8.23
N GLU A 170 -4.37 -20.00 7.09
CA GLU A 170 -4.27 -19.30 5.83
C GLU A 170 -5.49 -18.40 5.67
N THR A 171 -5.67 -17.82 4.48
CA THR A 171 -6.90 -17.09 4.22
C THR A 171 -8.09 -18.04 4.27
N ASP A 172 -9.19 -17.56 4.85
CA ASP A 172 -10.30 -18.47 5.13
C ASP A 172 -10.95 -18.97 3.85
N PHE A 173 -10.93 -18.17 2.79
CA PHE A 173 -11.51 -18.55 1.50
C PHE A 173 -10.46 -19.06 0.53
N TYR A 174 -9.41 -19.73 1.04
CA TYR A 174 -8.39 -20.28 0.16
C TYR A 174 -8.97 -21.35 -0.75
N ASP A 175 -9.88 -22.18 -0.23
CA ASP A 175 -10.49 -23.24 -1.02
C ASP A 175 -11.42 -22.71 -2.11
N VAL A 176 -11.78 -21.44 -2.07
CA VAL A 176 -12.67 -20.84 -3.05
C VAL A 176 -11.80 -20.12 -4.07
N THR A 177 -11.64 -20.72 -5.25
CA THR A 177 -10.78 -20.14 -6.27
C THR A 177 -11.42 -18.95 -6.95
N TRP A 178 -12.72 -19.02 -7.25
CA TRP A 178 -13.35 -17.97 -8.07
C TRP A 178 -13.42 -16.64 -7.32
N PHE A 179 -13.78 -16.67 -6.04
CA PHE A 179 -13.79 -15.43 -5.26
C PHE A 179 -12.39 -14.85 -5.14
N LYS A 180 -11.39 -15.73 -4.97
CA LYS A 180 -10.00 -15.29 -4.94
C LYS A 180 -9.62 -14.58 -6.23
N VAL A 181 -9.98 -15.17 -7.37
CA VAL A 181 -9.67 -14.56 -8.66
C VAL A 181 -10.38 -13.21 -8.79
N MET A 182 -11.65 -13.15 -8.40
CA MET A 182 -12.41 -11.91 -8.54
C MET A 182 -11.83 -10.80 -7.69
N THR A 183 -11.53 -11.08 -6.42
CA THR A 183 -10.99 -10.03 -5.57
C THR A 183 -9.61 -9.60 -6.02
N ALA A 184 -8.75 -10.54 -6.45
CA ALA A 184 -7.45 -10.15 -6.96
C ALA A 184 -7.60 -9.29 -8.20
N ILE A 185 -8.47 -9.70 -9.14
CA ILE A 185 -8.66 -8.97 -10.38
C ILE A 185 -9.12 -7.55 -10.09
N ILE A 186 -10.15 -7.41 -9.25
CA ILE A 186 -10.65 -6.08 -8.93
C ILE A 186 -9.54 -5.25 -8.30
N ASN A 187 -9.05 -5.68 -7.13
CA ASN A 187 -8.19 -4.85 -6.31
C ASN A 187 -6.81 -4.63 -6.92
N PHE A 188 -6.44 -5.36 -7.97
CA PHE A 188 -5.23 -5.03 -8.70
C PHE A 188 -5.52 -4.25 -9.98
N TYR A 189 -6.30 -4.83 -10.89
CA TYR A 189 -6.51 -4.20 -12.19
C TYR A 189 -7.16 -2.83 -12.05
N LEU A 190 -8.31 -2.74 -11.35
CA LEU A 190 -9.02 -1.47 -11.38
C LEU A 190 -8.19 -0.34 -10.76
N PRO A 191 -7.62 -0.47 -9.56
CA PRO A 191 -6.67 0.55 -9.10
C PRO A 191 -5.52 0.77 -10.06
N THR A 192 -4.81 -0.28 -10.45
CA THR A 192 -3.59 -0.11 -11.25
C THR A 192 -3.90 0.39 -12.65
N LEU A 193 -4.97 -0.11 -13.28
CA LEU A 193 -5.26 0.34 -14.65
C LEU A 193 -5.80 1.77 -14.64
N LEU A 194 -6.70 2.10 -13.71
CA LEU A 194 -7.13 3.49 -13.62
C LEU A 194 -5.97 4.40 -13.27
N MET A 195 -5.02 3.90 -12.48
CA MET A 195 -3.85 4.68 -12.10
C MET A 195 -2.94 4.90 -13.30
N LEU A 196 -2.77 3.89 -14.15
CA LEU A 196 -1.98 4.06 -15.37
C LEU A 196 -2.66 5.06 -16.32
N TRP A 197 -3.98 4.99 -16.42
CA TRP A 197 -4.72 6.01 -17.17
C TRP A 197 -4.42 7.41 -16.65
N PHE A 198 -4.50 7.57 -15.32
CA PHE A 198 -4.26 8.88 -14.71
C PHE A 198 -2.83 9.34 -14.96
N TYR A 199 -1.87 8.44 -14.79
CA TYR A 199 -0.46 8.80 -14.98
C TYR A 199 -0.18 9.16 -16.43
N ALA A 200 -0.78 8.44 -17.37
CA ALA A 200 -0.60 8.76 -18.78
C ALA A 200 -1.15 10.14 -19.10
N LYS A 201 -2.34 10.47 -18.58
CA LYS A 201 -2.87 11.81 -18.87
C LYS A 201 -2.07 12.89 -18.15
N ILE A 202 -1.58 12.61 -16.94
CA ILE A 202 -0.73 13.58 -16.25
C ILE A 202 0.53 13.84 -17.06
N TYR A 203 1.15 12.78 -17.59
CA TYR A 203 2.35 12.94 -18.41
C TYR A 203 2.04 13.68 -19.70
N LYS A 204 0.86 13.44 -20.29
CA LYS A 204 0.48 14.18 -21.49
C LYS A 204 0.33 15.67 -21.20
N ALA A 205 -0.31 16.01 -20.07
CA ALA A 205 -0.44 17.41 -19.69
C ALA A 205 0.92 18.03 -19.42
N VAL A 206 1.82 17.27 -18.78
CA VAL A 206 3.17 17.75 -18.51
C VAL A 206 3.88 18.05 -19.82
N LYS A 207 3.79 17.14 -20.80
CA LYS A 207 4.47 17.35 -22.07
C LYS A 207 3.88 18.53 -22.82
N ARG A 208 2.56 18.70 -22.79
CA ARG A 208 1.96 19.80 -23.54
C ARG A 208 2.18 21.15 -22.87
N GLN A 209 2.35 21.18 -21.54
CA GLN A 209 2.43 22.46 -20.84
C GLN A 209 3.82 23.09 -20.92
N LEU A 210 4.35 23.23 -22.12
CA LEU A 210 5.60 23.95 -22.33
C LEU A 210 5.42 25.01 -23.41
N ASN A 313 8.98 23.71 -12.44
CA ASN A 313 9.65 22.43 -12.27
C ASN A 313 9.06 21.66 -11.09
N ARG A 314 8.39 22.37 -10.19
CA ARG A 314 7.74 21.69 -9.07
C ARG A 314 6.70 20.70 -9.56
N GLU A 315 5.97 21.07 -10.61
CA GLU A 315 5.05 20.11 -11.24
C GLU A 315 5.82 18.96 -11.87
N ARG A 316 6.99 19.23 -12.45
CA ARG A 316 7.83 18.16 -12.99
C ARG A 316 8.27 17.20 -11.90
N LYS A 317 8.65 17.73 -10.73
CA LYS A 317 9.09 16.86 -9.64
C LYS A 317 7.92 16.10 -9.04
N ALA A 318 6.72 16.69 -9.02
CA ALA A 318 5.54 15.93 -8.62
C ALA A 318 5.28 14.78 -9.59
N ALA A 319 5.43 15.04 -10.89
CA ALA A 319 5.29 13.98 -11.88
C ALA A 319 6.32 12.88 -11.66
N LYS A 320 7.56 13.25 -11.37
CA LYS A 320 8.59 12.24 -11.09
C LYS A 320 8.26 11.45 -9.82
N GLN A 321 7.74 12.12 -8.79
CA GLN A 321 7.38 11.42 -7.57
C GLN A 321 6.29 10.39 -7.84
N LEU A 322 5.25 10.78 -8.58
CA LEU A 322 4.20 9.83 -8.92
C LEU A 322 4.74 8.70 -9.78
N GLY A 323 5.62 9.03 -10.73
CA GLY A 323 6.19 8.00 -11.59
C GLY A 323 7.05 7.01 -10.84
N PHE A 324 7.84 7.49 -9.88
CA PHE A 324 8.67 6.59 -9.09
C PHE A 324 7.84 5.73 -8.15
N ILE A 325 6.78 6.28 -7.56
CA ILE A 325 5.90 5.45 -6.75
C ILE A 325 5.25 4.37 -7.61
N MET A 326 4.82 4.74 -8.83
CA MET A 326 4.24 3.76 -9.74
C MET A 326 5.25 2.69 -10.11
N ALA A 327 6.48 3.09 -10.42
CA ALA A 327 7.51 2.13 -10.79
C ALA A 327 7.80 1.17 -9.65
N ALA A 328 7.89 1.70 -8.42
CA ALA A 328 8.09 0.84 -7.26
C ALA A 328 6.95 -0.12 -6.97
N PHE A 329 5.68 0.17 -7.12
CA PHE A 329 4.74 -0.85 -6.94
C PHE A 329 4.94 -1.68 -8.12
N ILE A 330 4.64 -1.26 -9.27
CA ILE A 330 4.54 -2.20 -10.37
C ILE A 330 5.67 -3.21 -10.28
N LEU A 331 6.91 -2.74 -10.10
CA LEU A 331 8.06 -3.64 -10.11
C LEU A 331 8.03 -4.59 -8.93
N CYS A 332 7.50 -4.16 -7.78
CA CYS A 332 7.56 -5.02 -6.60
C CYS A 332 6.37 -5.99 -6.53
N TRP A 333 5.20 -5.57 -6.99
CA TRP A 333 4.01 -6.41 -6.93
C TRP A 333 3.58 -7.00 -8.28
N ILE A 334 4.42 -6.94 -9.29
CA ILE A 334 4.14 -7.74 -10.49
C ILE A 334 4.52 -9.20 -10.28
N PRO A 335 5.62 -9.54 -9.58
CA PRO A 335 5.89 -10.98 -9.40
C PRO A 335 4.90 -11.64 -8.46
N TYR A 336 4.56 -10.95 -7.36
CA TYR A 336 3.58 -11.50 -6.42
C TYR A 336 2.26 -11.78 -7.13
N PHE A 337 1.78 -10.83 -7.94
CA PHE A 337 0.48 -11.01 -8.58
C PHE A 337 0.55 -12.03 -9.70
N ILE A 338 1.64 -12.07 -10.47
CA ILE A 338 1.71 -13.07 -11.54
C ILE A 338 1.72 -14.47 -10.95
N PHE A 339 2.50 -14.69 -9.88
CA PHE A 339 2.50 -16.02 -9.26
C PHE A 339 1.20 -16.32 -8.55
N PHE A 340 0.57 -15.30 -7.97
CA PHE A 340 -0.74 -15.47 -7.33
C PHE A 340 -1.77 -15.93 -8.35
N MET A 341 -1.79 -15.32 -9.52
CA MET A 341 -2.76 -15.70 -10.54
C MET A 341 -2.41 -17.02 -11.20
N VAL A 342 -1.14 -17.40 -11.24
CA VAL A 342 -0.80 -18.75 -11.64
C VAL A 342 -1.36 -19.77 -10.63
N ILE A 343 -1.23 -19.47 -9.34
CA ILE A 343 -1.79 -20.34 -8.31
C ILE A 343 -3.31 -20.40 -8.43
N ALA A 344 -3.93 -19.29 -8.81
CA ALA A 344 -5.39 -19.17 -8.79
C ALA A 344 -6.12 -20.23 -9.61
N PHE A 345 -5.42 -20.99 -10.46
CA PHE A 345 -6.04 -22.08 -11.18
C PHE A 345 -5.37 -23.43 -10.99
N CYS A 346 -4.15 -23.47 -10.47
CA CYS A 346 -3.45 -24.72 -10.20
C CYS A 346 -2.79 -24.66 -8.83
N LYS A 347 -2.84 -25.77 -8.10
CA LYS A 347 -2.29 -25.82 -6.75
C LYS A 347 -0.84 -26.27 -6.74
N ASN A 348 -0.46 -27.19 -7.61
CA ASN A 348 0.90 -27.71 -7.66
C ASN A 348 1.79 -26.89 -8.58
N CYS A 349 1.84 -25.58 -8.37
CA CYS A 349 2.63 -24.69 -9.20
C CYS A 349 3.49 -23.69 -8.43
N CYS A 350 3.27 -23.52 -7.13
CA CYS A 350 4.11 -22.62 -6.34
C CYS A 350 4.27 -23.20 -4.94
N ASN A 351 5.51 -23.27 -4.49
CA ASN A 351 5.83 -23.77 -3.15
C ASN A 351 5.80 -22.60 -2.18
N GLU A 352 6.32 -22.81 -0.96
CA GLU A 352 6.41 -21.75 0.04
C GLU A 352 7.52 -20.75 -0.25
N HIS A 353 8.40 -21.05 -1.21
CA HIS A 353 9.57 -20.21 -1.49
C HIS A 353 9.27 -19.09 -2.47
N LEU A 354 8.62 -19.38 -3.59
CA LEU A 354 8.34 -18.40 -4.63
C LEU A 354 7.25 -17.41 -4.24
N HIS A 355 6.77 -17.46 -3.01
CA HIS A 355 5.76 -16.55 -2.48
C HIS A 355 6.30 -15.63 -1.40
N MET A 356 7.17 -16.17 -0.54
CA MET A 356 7.78 -15.38 0.52
C MET A 356 8.64 -14.27 -0.07
N PHE A 357 9.44 -14.60 -1.10
CA PHE A 357 10.33 -13.66 -1.77
C PHE A 357 9.59 -12.61 -2.57
N THR A 358 8.28 -12.74 -2.75
CA THR A 358 7.46 -11.72 -3.39
C THR A 358 6.71 -10.86 -2.40
N ILE A 359 6.13 -11.48 -1.37
CA ILE A 359 5.51 -10.72 -0.29
C ILE A 359 6.54 -9.79 0.33
N TRP A 360 7.76 -10.26 0.53
CA TRP A 360 8.73 -9.42 1.21
C TRP A 360 9.36 -8.38 0.29
N LEU A 361 9.41 -8.61 -1.02
CA LEU A 361 9.74 -7.51 -1.93
C LEU A 361 8.68 -6.42 -1.87
N GLY A 362 7.41 -6.83 -1.79
CA GLY A 362 6.35 -5.83 -1.63
C GLY A 362 6.48 -5.03 -0.35
N TYR A 363 6.82 -5.72 0.75
CA TYR A 363 6.97 -4.98 2.01
C TYR A 363 8.25 -4.16 2.03
N ILE A 364 9.28 -4.58 1.30
CA ILE A 364 10.45 -3.73 1.11
C ILE A 364 10.06 -2.47 0.34
N ASN A 365 9.16 -2.61 -0.63
CA ASN A 365 8.61 -1.44 -1.31
C ASN A 365 7.88 -0.52 -0.35
N SER A 366 7.07 -1.11 0.54
CA SER A 366 6.37 -0.31 1.53
C SER A 366 7.34 0.42 2.44
N THR A 367 8.46 -0.23 2.78
CA THR A 367 9.52 0.45 3.54
C THR A 367 10.17 1.55 2.72
N LEU A 368 10.38 1.32 1.43
CA LEU A 368 11.12 2.26 0.59
C LEU A 368 10.34 3.54 0.32
N ASN A 369 9.01 3.45 0.24
CA ASN A 369 8.20 4.62 -0.12
C ASN A 369 8.48 5.84 0.75
N PRO A 370 8.60 5.73 2.09
CA PRO A 370 9.02 6.91 2.86
C PRO A 370 10.36 7.48 2.43
N LEU A 371 11.29 6.64 1.97
CA LEU A 371 12.55 7.13 1.43
C LEU A 371 12.45 7.52 -0.04
N ILE A 372 11.41 7.07 -0.75
CA ILE A 372 11.21 7.52 -2.13
C ILE A 372 10.60 8.92 -2.14
N TYR A 373 9.88 9.30 -1.07
CA TYR A 373 9.31 10.64 -1.02
C TYR A 373 10.35 11.75 -1.12
N PRO A 374 11.43 11.76 -0.33
CA PRO A 374 12.41 12.86 -0.46
C PRO A 374 13.17 12.87 -1.77
N LEU A 375 13.20 11.74 -2.50
CA LEU A 375 13.99 11.68 -3.72
C LEU A 375 13.51 12.69 -4.76
N CYS A 376 12.20 12.82 -4.90
CA CYS A 376 11.61 13.76 -5.84
C CYS A 376 11.16 15.05 -5.18
N ASN A 377 10.35 14.94 -4.12
CA ASN A 377 9.93 16.11 -3.34
C ASN A 377 10.90 16.25 -2.17
N GLU A 378 11.99 16.97 -2.40
CA GLU A 378 13.07 17.10 -1.43
C GLU A 378 12.93 18.34 -0.56
N ASN A 379 11.71 18.83 -0.37
CA ASN A 379 11.47 19.83 0.66
C ASN A 379 11.59 19.25 2.06
N PHE A 380 11.70 17.93 2.17
CA PHE A 380 11.86 17.19 3.42
C PHE A 380 13.24 17.36 4.02
N LYS A 381 14.09 18.25 3.50
CA LYS A 381 15.47 18.35 3.97
C LYS A 381 15.54 18.72 5.44
N LYS A 382 14.98 19.89 5.79
CA LYS A 382 15.13 20.38 7.16
C LYS A 382 14.42 19.49 8.16
N THR A 383 13.23 18.99 7.82
CA THR A 383 12.45 18.22 8.80
C THR A 383 13.03 16.84 9.02
N PHE A 384 13.77 16.29 8.05
CA PHE A 384 14.39 14.98 8.19
C PHE A 384 15.75 15.04 8.85
N LYS A 385 16.30 16.24 9.04
CA LYS A 385 17.62 16.44 9.64
C LYS A 385 17.55 17.49 10.72
N ARG A 386 16.56 17.36 11.60
CA ARG A 386 16.34 18.33 12.67
C ARG A 386 17.51 18.37 13.63
C10 Y5R B . -5.57 -9.29 -1.59
C13 Y5R B . -5.16 -11.96 -2.01
C15 Y5R B . -4.33 -9.87 -1.37
C17 Y5R B . -2.35 -9.39 0.14
C21 Y5R B . -2.59 -10.29 2.49
C22 Y5R B . -2.57 -10.60 1.00
C02 Y5R B . -2.29 -5.46 -3.17
C03 Y5R B . -1.40 -6.52 -3.26
C04 Y5R B . -1.63 -7.69 -2.55
C05 Y5R B . -2.76 -7.78 -1.71
C06 Y5R B . -3.64 -6.74 -1.64
C07 Y5R B . -3.41 -5.56 -2.37
C08 Y5R B . -4.87 -6.91 -0.73
C09 Y5R B . -5.94 -7.79 -1.39
C11 Y5R B . -6.67 -10.07 -2.02
C12 Y5R B . -6.44 -11.44 -2.23
C16 Y5R B . -3.10 -9.04 -0.90
C18 Y5R B . -1.14 -8.64 0.64
C19 Y5R B . -1.19 -8.35 2.13
N14 Y5R B . -4.16 -11.19 -1.60
N20 Y5R B . -1.40 -9.56 2.93
CL01 Y5R B . -1.99 -3.97 -4.11
#